data_9HLL
#
_entry.id   9HLL
#
_cell.length_a   78.402
_cell.length_b   127.444
_cell.length_c   125.855
_cell.angle_alpha   90.000
_cell.angle_beta   90.000
_cell.angle_gamma   90.000
#
_symmetry.space_group_name_H-M   'C 2 2 21'
#
loop_
_entity.id
_entity.type
_entity.pdbx_description
1 polymer 'Integrin alpha-M'
2 polymer 'aCR3 nanobody'
3 non-polymer 'SULFATE ION'
4 water water
#
loop_
_entity_poly.entity_id
_entity_poly.type
_entity_poly.pdbx_seq_one_letter_code
_entity_poly.pdbx_strand_id
1 'polypeptide(L)'
;GAMESPQQESDIVFLIDGSGSINNIDFQKMKEFVSTVMEQFKKSKTLFSLMQYSDEFRIHFTFNDFKRNPSPRSHVSPIK
QLNGRTKTASGIRKVVRELFHKTNGARENAAKILVVITDGEKFGDPLDYKDVIPEADRAGVIRYVIGVGNAFNKPQSRRE
LDTIASKPAGEHVFQVDNFEALNTIQNQLQEKGFAIEG
;
A
2 'polypeptide(L)'
;QVQLVESGGGLVQAGGSLRLSCTTSGFTFDDYAIGWFRQAPGKEREGVSCISSSEGKYYSDSAKGRFTISSDNAKNTVYL
QMNNLKPEDTAVYYCAAEWNNFGRLCMYPDYWGQGTQVTVSSLEHHHHHH
;
B,C,D
#
# COMPACT_ATOMS: atom_id res chain seq x y z
N GLU A 9 12.66 -11.13 15.61
CA GLU A 9 14.03 -11.25 15.13
C GLU A 9 14.23 -10.65 13.74
N SER A 10 13.15 -10.36 12.99
CA SER A 10 13.29 -9.56 11.79
C SER A 10 12.03 -8.73 11.60
N ASP A 11 12.27 -7.47 11.22
CA ASP A 11 11.28 -6.45 10.93
C ASP A 11 11.34 -6.15 9.44
N ILE A 12 10.24 -6.42 8.72
CA ILE A 12 10.20 -6.41 7.24
C ILE A 12 9.19 -5.34 6.84
N VAL A 13 9.67 -4.31 6.13
CA VAL A 13 8.82 -3.30 5.53
C VAL A 13 8.71 -3.59 4.05
N PHE A 14 7.50 -3.54 3.49
CA PHE A 14 7.28 -3.44 2.05
C PHE A 14 7.06 -1.99 1.68
N LEU A 15 7.62 -1.58 0.55
CA LEU A 15 7.46 -0.23 0.00
C LEU A 15 7.00 -0.42 -1.44
N ILE A 16 5.71 -0.21 -1.72
CA ILE A 16 5.13 -0.63 -2.98
C ILE A 16 4.81 0.60 -3.83
N ASP A 17 5.23 0.54 -5.09
CA ASP A 17 5.04 1.57 -6.08
C ASP A 17 3.59 1.53 -6.53
N GLY A 18 2.87 2.64 -6.32
CA GLY A 18 1.49 2.77 -6.72
C GLY A 18 1.29 3.92 -7.71
N SER A 19 2.35 4.31 -8.41
CA SER A 19 2.22 5.39 -9.39
C SER A 19 1.31 4.95 -10.53
N GLY A 20 0.84 5.94 -11.30
CA GLY A 20 -0.01 5.67 -12.44
C GLY A 20 0.67 4.88 -13.55
N SER A 21 2.00 4.85 -13.56
CA SER A 21 2.72 4.02 -14.51
C SER A 21 2.61 2.52 -14.20
N ILE A 22 2.27 2.15 -12.98
CA ILE A 22 1.97 0.76 -12.65
C ILE A 22 0.55 0.46 -13.14
N ASN A 23 0.40 -0.52 -14.02
CA ASN A 23 -0.97 -0.78 -14.47
C ASN A 23 -1.68 -1.61 -13.41
N ASN A 24 -2.98 -1.82 -13.58
CA ASN A 24 -3.76 -2.43 -12.51
C ASN A 24 -3.38 -3.89 -12.31
N ILE A 25 -2.97 -4.58 -13.38
CA ILE A 25 -2.56 -5.97 -13.22
C ILE A 25 -1.31 -6.06 -12.35
N ASP A 26 -0.39 -5.12 -12.54
CA ASP A 26 0.87 -5.16 -11.79
C ASP A 26 0.65 -4.81 -10.33
N PHE A 27 -0.19 -3.81 -10.06
CA PHE A 27 -0.48 -3.43 -8.68
C PHE A 27 -1.10 -4.58 -7.90
N GLN A 28 -2.00 -5.35 -8.53
CA GLN A 28 -2.54 -6.53 -7.86
C GLN A 28 -1.46 -7.57 -7.62
N LYS A 29 -0.51 -7.72 -8.55
CA LYS A 29 0.61 -8.63 -8.33
C LYS A 29 1.49 -8.19 -7.18
N MET A 30 1.56 -6.88 -6.91
CA MET A 30 2.28 -6.45 -5.72
C MET A 30 1.53 -6.91 -4.47
N LYS A 31 0.21 -6.79 -4.47
CA LYS A 31 -0.56 -7.17 -3.29
C LYS A 31 -0.45 -8.66 -3.03
N GLU A 32 -0.44 -9.46 -4.10
CA GLU A 32 -0.37 -10.92 -3.95
C GLU A 32 1.01 -11.34 -3.48
N PHE A 33 2.06 -10.69 -3.99
CA PHE A 33 3.41 -10.98 -3.56
C PHE A 33 3.56 -10.73 -2.08
N VAL A 34 3.21 -9.50 -1.66
CA VAL A 34 3.24 -9.09 -0.25
C VAL A 34 2.51 -10.10 0.60
N SER A 35 1.32 -10.50 0.14
CA SER A 35 0.49 -11.39 0.94
C SER A 35 1.15 -12.74 1.10
N THR A 36 1.75 -13.25 0.03
CA THR A 36 2.37 -14.57 0.08
C THR A 36 3.60 -14.58 0.97
N VAL A 37 4.33 -13.46 1.01
CA VAL A 37 5.48 -13.38 1.90
C VAL A 37 5.02 -13.41 3.36
N MET A 38 4.02 -12.60 3.69
CA MET A 38 3.53 -12.53 5.07
C MET A 38 2.97 -13.87 5.53
N GLU A 39 2.23 -14.57 4.65
CA GLU A 39 1.70 -15.89 5.00
C GLU A 39 2.82 -16.86 5.35
N GLN A 40 3.94 -16.74 4.66
CA GLN A 40 5.02 -17.69 4.84
C GLN A 40 5.78 -17.47 6.12
N PHE A 41 5.80 -16.25 6.64
CA PHE A 41 6.42 -15.94 7.92
C PHE A 41 5.43 -15.99 9.08
N LYS A 42 4.31 -16.69 8.91
CA LYS A 42 3.21 -16.61 9.87
C LYS A 42 3.53 -17.33 11.18
N LYS A 43 4.21 -18.47 11.10
CA LYS A 43 4.61 -19.23 12.28
C LYS A 43 5.96 -18.77 12.84
N SER A 44 6.34 -17.53 12.58
CA SER A 44 7.60 -16.97 13.02
C SER A 44 7.34 -15.67 13.77
N LYS A 45 8.37 -15.17 14.43
CA LYS A 45 8.33 -13.90 15.13
C LYS A 45 8.74 -12.75 14.24
N THR A 46 8.38 -12.79 12.98
CA THR A 46 8.58 -11.66 12.08
C THR A 46 7.41 -10.70 12.21
N LEU A 47 7.71 -9.41 12.13
CA LEU A 47 6.71 -8.36 12.11
C LEU A 47 6.76 -7.66 10.76
N PHE A 48 5.61 -7.15 10.32
CA PHE A 48 5.50 -6.49 9.04
C PHE A 48 4.89 -5.10 9.15
N SER A 49 5.31 -4.25 8.21
CA SER A 49 4.78 -2.92 8.00
C SER A 49 4.75 -2.65 6.50
N LEU A 50 3.80 -1.84 6.03
CA LEU A 50 3.73 -1.51 4.61
C LEU A 50 3.44 -0.03 4.39
N MET A 51 4.10 0.54 3.39
CA MET A 51 3.86 1.89 2.92
C MET A 51 3.75 1.87 1.40
N GLN A 52 2.72 2.49 0.87
CA GLN A 52 2.63 2.73 -0.56
C GLN A 52 3.11 4.15 -0.84
N TYR A 53 3.74 4.34 -1.99
CA TYR A 53 4.23 5.65 -2.39
C TYR A 53 3.88 5.94 -3.84
N SER A 54 3.75 7.21 -4.16
CA SER A 54 3.69 7.72 -5.53
C SER A 54 4.36 9.08 -5.44
N ASP A 55 3.62 10.19 -5.60
CA ASP A 55 4.06 11.49 -5.10
C ASP A 55 3.54 11.80 -3.69
N GLU A 56 2.96 10.82 -3.01
CA GLU A 56 2.51 10.94 -1.62
C GLU A 56 2.80 9.61 -0.94
N PHE A 57 2.73 9.57 0.38
CA PHE A 57 3.16 8.40 1.13
C PHE A 57 2.08 8.03 2.13
N ARG A 58 1.53 6.80 1.98
CA ARG A 58 0.50 6.26 2.84
C ARG A 58 1.07 5.08 3.60
N ILE A 59 1.04 5.15 4.92
CA ILE A 59 1.45 4.05 5.78
C ILE A 59 0.18 3.22 5.98
N HIS A 60 0.11 2.07 5.29
CA HIS A 60 -1.06 1.21 5.40
C HIS A 60 -1.07 0.44 6.72
N PHE A 61 0.08 -0.01 7.20
CA PHE A 61 0.12 -0.50 8.57
C PHE A 61 1.55 -0.40 9.11
N THR A 62 1.65 -0.19 10.42
CA THR A 62 2.94 -0.15 11.11
C THR A 62 3.25 -1.52 11.72
N PHE A 63 4.47 -1.64 12.26
CA PHE A 63 4.80 -2.87 12.97
C PHE A 63 3.87 -3.06 14.16
N ASN A 64 3.51 -1.97 14.85
CA ASN A 64 2.55 -2.05 15.95
C ASN A 64 1.18 -2.53 15.48
N ASP A 65 0.72 -2.02 14.33
CA ASP A 65 -0.56 -2.48 13.80
C ASP A 65 -0.56 -3.99 13.56
N PHE A 66 0.54 -4.50 12.99
CA PHE A 66 0.61 -5.93 12.67
C PHE A 66 0.67 -6.75 13.94
N LYS A 67 1.39 -6.25 14.95
CA LYS A 67 1.47 -6.88 16.27
C LYS A 67 0.07 -7.16 16.80
N ARG A 68 -0.80 -6.16 16.72
CA ARG A 68 -2.13 -6.25 17.33
C ARG A 68 -3.07 -7.14 16.52
N ASN A 69 -2.82 -7.28 15.22
CA ASN A 69 -3.64 -8.11 14.34
C ASN A 69 -2.77 -8.58 13.16
N PRO A 70 -2.11 -9.77 13.27
CA PRO A 70 -1.17 -10.21 12.24
C PRO A 70 -1.85 -10.99 11.11
N SER A 71 -2.90 -10.40 10.53
CA SER A 71 -3.67 -11.06 9.50
C SER A 71 -3.28 -10.42 8.18
N PRO A 72 -2.56 -11.13 7.30
CA PRO A 72 -2.27 -10.53 5.98
C PRO A 72 -3.52 -10.14 5.23
N ARG A 73 -4.59 -10.90 5.27
CA ARG A 73 -5.75 -10.49 4.47
C ARG A 73 -6.42 -9.27 5.06
N SER A 74 -6.45 -9.15 6.40
CA SER A 74 -7.03 -7.97 7.02
C SER A 74 -6.30 -6.71 6.55
N HIS A 75 -4.99 -6.72 6.55
CA HIS A 75 -4.26 -5.49 6.26
C HIS A 75 -4.04 -5.23 4.76
N VAL A 76 -3.91 -6.27 3.95
CA VAL A 76 -3.46 -6.08 2.57
C VAL A 76 -4.64 -5.98 1.61
N SER A 77 -5.74 -6.67 1.91
CA SER A 77 -6.87 -6.68 0.98
C SER A 77 -7.45 -5.31 0.65
N PRO A 78 -7.68 -4.39 1.59
CA PRO A 78 -8.31 -3.11 1.22
C PRO A 78 -7.37 -2.10 0.58
N ILE A 79 -6.12 -2.44 0.30
CA ILE A 79 -5.18 -1.46 -0.25
C ILE A 79 -5.58 -1.10 -1.66
N LYS A 80 -5.72 0.20 -1.91
CA LYS A 80 -6.14 0.74 -3.20
C LYS A 80 -5.01 1.58 -3.78
N GLN A 81 -4.88 1.57 -5.11
CA GLN A 81 -3.75 2.21 -5.78
C GLN A 81 -3.88 3.72 -5.72
N LEU A 82 -2.78 4.41 -5.43
CA LEU A 82 -2.84 5.85 -5.22
C LEU A 82 -2.77 6.67 -6.49
N ASN A 83 -2.05 6.15 -7.51
CA ASN A 83 -1.65 6.85 -8.72
C ASN A 83 -0.72 8.01 -8.42
N GLY A 84 -0.32 8.77 -9.46
CA GLY A 84 0.61 9.87 -9.34
C GLY A 84 2.01 9.52 -9.80
N ARG A 85 2.96 10.40 -9.48
CA ARG A 85 4.35 10.24 -9.89
C ARG A 85 5.00 9.15 -9.04
N THR A 86 6.34 9.03 -9.10
CA THR A 86 7.08 7.91 -8.49
C THR A 86 8.25 8.48 -7.70
N LYS A 87 8.12 8.56 -6.38
CA LYS A 87 9.14 9.17 -5.52
C LYS A 87 9.81 8.08 -4.69
N THR A 88 10.59 7.22 -5.37
CA THR A 88 11.09 6.02 -4.74
C THR A 88 12.13 6.34 -3.67
N ALA A 89 12.98 7.35 -3.92
CA ALA A 89 14.07 7.66 -3.01
C ALA A 89 13.55 8.29 -1.73
N SER A 90 12.62 9.24 -1.85
CA SER A 90 11.95 9.78 -0.67
C SER A 90 11.17 8.70 0.04
N GLY A 91 10.66 7.72 -0.71
CA GLY A 91 10.02 6.59 -0.07
C GLY A 91 11.00 5.80 0.76
N ILE A 92 12.23 5.66 0.27
CA ILE A 92 13.22 4.92 1.05
C ILE A 92 13.58 5.70 2.31
N ARG A 93 13.74 7.02 2.19
CA ARG A 93 14.10 7.84 3.34
C ARG A 93 13.04 7.74 4.42
N LYS A 94 11.77 7.81 4.04
CA LYS A 94 10.69 7.80 5.02
C LYS A 94 10.59 6.44 5.70
N VAL A 95 10.97 5.37 5.00
CA VAL A 95 11.00 4.06 5.63
C VAL A 95 12.08 4.03 6.71
N VAL A 96 13.31 4.46 6.39
CA VAL A 96 14.35 4.24 7.39
C VAL A 96 14.17 5.18 8.57
N ARG A 97 13.61 6.37 8.35
CA ARG A 97 13.51 7.37 9.39
C ARG A 97 12.25 7.26 10.23
N GLU A 98 11.17 6.67 9.70
CA GLU A 98 9.90 6.62 10.41
C GLU A 98 9.42 5.20 10.70
N LEU A 99 9.39 4.32 9.69
CA LEU A 99 8.83 2.99 9.93
C LEU A 99 9.80 2.10 10.70
N PHE A 100 11.10 2.26 10.46
CA PHE A 100 12.12 1.64 11.32
C PHE A 100 12.43 2.63 12.45
N HIS A 101 11.47 2.77 13.36
CA HIS A 101 11.63 3.57 14.57
C HIS A 101 10.76 2.92 15.64
N LYS A 102 11.21 2.94 16.90
CA LYS A 102 10.47 2.18 17.92
C LYS A 102 9.08 2.75 18.14
N THR A 103 8.85 4.02 17.82
CA THR A 103 7.51 4.57 17.97
C THR A 103 6.50 3.84 17.09
N ASN A 104 6.92 3.33 15.93
CA ASN A 104 6.04 2.55 15.07
C ASN A 104 6.21 1.03 15.25
N GLY A 105 6.83 0.61 16.35
CA GLY A 105 6.89 -0.79 16.74
C GLY A 105 8.17 -1.50 16.35
N ALA A 106 9.12 -0.81 15.73
CA ALA A 106 10.36 -1.46 15.29
C ALA A 106 11.18 -1.88 16.50
N ARG A 107 11.66 -3.13 16.47
CA ARG A 107 12.40 -3.71 17.57
C ARG A 107 13.89 -3.49 17.32
N GLU A 108 14.56 -2.82 18.24
CA GLU A 108 16.02 -2.84 18.23
C GLU A 108 16.48 -4.28 18.20
N ASN A 109 17.66 -4.52 17.65
CA ASN A 109 18.27 -5.84 17.53
C ASN A 109 17.51 -6.81 16.61
N ALA A 110 16.39 -6.42 16.00
CA ALA A 110 15.85 -7.18 14.87
C ALA A 110 16.63 -6.84 13.60
N ALA A 111 16.68 -7.79 12.68
CA ALA A 111 17.22 -7.52 11.36
C ALA A 111 16.26 -6.64 10.61
N LYS A 112 16.72 -5.55 10.02
CA LYS A 112 15.86 -4.63 9.28
C LYS A 112 15.93 -4.97 7.79
N ILE A 113 14.77 -5.20 7.17
CA ILE A 113 14.68 -5.62 5.77
C ILE A 113 13.62 -4.78 5.12
N LEU A 114 13.94 -4.17 3.98
CA LEU A 114 13.01 -3.40 3.17
C LEU A 114 12.89 -4.06 1.80
N VAL A 115 11.68 -4.24 1.32
CA VAL A 115 11.40 -4.88 0.06
C VAL A 115 10.69 -3.83 -0.76
N VAL A 116 11.38 -3.25 -1.74
CA VAL A 116 10.84 -2.20 -2.60
C VAL A 116 10.32 -2.86 -3.86
N ILE A 117 9.04 -2.69 -4.19
CA ILE A 117 8.45 -3.25 -5.40
C ILE A 117 8.17 -2.08 -6.34
N THR A 118 8.80 -2.08 -7.51
CA THR A 118 8.67 -0.93 -8.40
C THR A 118 9.01 -1.35 -9.83
N ASP A 119 8.60 -0.53 -10.80
CA ASP A 119 8.99 -0.71 -12.19
C ASP A 119 10.34 -0.06 -12.53
N GLY A 120 10.98 0.55 -11.55
CA GLY A 120 12.31 1.07 -11.71
C GLY A 120 12.39 2.41 -12.39
N GLU A 121 11.32 3.22 -12.38
CA GLU A 121 11.26 4.48 -13.11
C GLU A 121 10.90 5.59 -12.13
N LYS A 122 11.90 6.07 -11.41
CA LYS A 122 11.73 7.18 -10.50
C LYS A 122 11.52 8.46 -11.29
N PHE A 123 10.45 9.19 -10.97
CA PHE A 123 10.10 10.44 -11.64
C PHE A 123 9.46 11.39 -10.63
N GLY A 124 9.92 12.63 -10.59
CA GLY A 124 9.32 13.62 -9.69
C GLY A 124 9.86 13.62 -8.29
N ASP A 125 10.93 12.89 -8.01
CA ASP A 125 11.51 12.84 -6.68
C ASP A 125 12.56 13.93 -6.53
N PRO A 126 12.43 14.87 -5.59
CA PRO A 126 13.54 15.82 -5.36
C PRO A 126 14.79 15.17 -4.77
N LEU A 127 14.70 13.93 -4.29
CA LEU A 127 15.85 13.19 -3.79
C LEU A 127 16.32 12.17 -4.83
N ASP A 128 17.64 12.13 -5.05
CA ASP A 128 18.28 11.06 -5.79
C ASP A 128 18.55 9.88 -4.86
N TYR A 129 18.92 8.74 -5.44
CA TYR A 129 19.21 7.59 -4.60
C TYR A 129 20.46 7.82 -3.76
N LYS A 130 21.39 8.66 -4.22
CA LYS A 130 22.59 8.98 -3.45
C LYS A 130 22.30 9.71 -2.15
N ASP A 131 21.09 10.24 -1.98
CA ASP A 131 20.72 10.96 -0.78
C ASP A 131 20.09 10.07 0.28
N VAL A 132 19.76 8.81 -0.04
CA VAL A 132 18.95 7.99 0.85
C VAL A 132 19.54 6.60 1.05
N ILE A 133 20.28 6.10 0.06
CA ILE A 133 20.79 4.74 0.14
C ILE A 133 21.95 4.66 1.15
N PRO A 134 22.95 5.54 1.15
CA PRO A 134 23.99 5.41 2.19
C PRO A 134 23.43 5.53 3.61
N GLU A 135 22.38 6.33 3.81
CA GLU A 135 21.75 6.41 5.11
C GLU A 135 21.07 5.10 5.47
N ALA A 136 20.41 4.47 4.51
CA ALA A 136 19.79 3.18 4.76
C ALA A 136 20.85 2.12 5.08
N ASP A 137 22.04 2.23 4.49
CA ASP A 137 23.12 1.32 4.86
C ASP A 137 23.55 1.55 6.30
N ARG A 138 23.59 2.82 6.73
CA ARG A 138 24.12 3.14 8.05
C ARG A 138 23.17 2.72 9.14
N ALA A 139 21.86 2.73 8.87
CA ALA A 139 20.87 1.99 9.65
C ALA A 139 21.05 0.56 9.23
N GLY A 140 20.49 -0.40 9.95
CA GLY A 140 20.87 -1.70 9.46
C GLY A 140 20.14 -2.29 8.25
N VAL A 141 19.76 -1.52 7.22
CA VAL A 141 18.60 -1.88 6.39
C VAL A 141 19.03 -2.64 5.14
N ILE A 142 18.75 -3.93 5.11
CA ILE A 142 18.99 -4.78 3.95
C ILE A 142 17.87 -4.59 2.95
N ARG A 143 18.20 -4.30 1.69
CA ARG A 143 17.21 -3.92 0.69
C ARG A 143 17.09 -4.99 -0.39
N TYR A 144 15.88 -5.51 -0.56
CA TYR A 144 15.50 -6.35 -1.69
C TYR A 144 14.67 -5.51 -2.63
N VAL A 145 14.77 -5.79 -3.94
CA VAL A 145 14.10 -5.04 -4.98
C VAL A 145 13.37 -6.03 -5.87
N ILE A 146 12.07 -5.83 -6.04
CA ILE A 146 11.21 -6.68 -6.85
C ILE A 146 10.75 -5.84 -8.02
N GLY A 147 11.14 -6.22 -9.22
CA GLY A 147 10.83 -5.44 -10.41
C GLY A 147 9.56 -5.94 -11.06
N VAL A 148 8.74 -5.00 -11.50
CA VAL A 148 7.50 -5.26 -12.22
C VAL A 148 7.57 -4.58 -13.58
N GLY A 149 6.69 -5.02 -14.47
CA GLY A 149 6.49 -4.31 -15.71
C GLY A 149 7.74 -4.37 -16.55
N ASN A 150 8.14 -3.21 -17.06
CA ASN A 150 9.25 -3.11 -18.00
C ASN A 150 10.60 -2.95 -17.34
N ALA A 151 10.71 -3.21 -16.03
CA ALA A 151 11.90 -2.81 -15.30
C ALA A 151 13.15 -3.50 -15.82
N PHE A 152 13.05 -4.76 -16.20
CA PHE A 152 14.23 -5.47 -16.64
C PHE A 152 14.58 -5.25 -18.11
N ASN A 153 13.79 -4.48 -18.86
CA ASN A 153 14.01 -4.37 -20.30
C ASN A 153 14.82 -3.17 -20.74
N LYS A 154 14.91 -2.10 -19.91
CA LYS A 154 15.60 -0.86 -20.28
C LYS A 154 16.83 -0.65 -19.42
N PRO A 155 17.92 -0.06 -19.94
CA PRO A 155 19.13 0.02 -19.10
C PRO A 155 18.95 0.93 -17.91
N GLN A 156 18.09 1.93 -18.02
CA GLN A 156 17.92 2.91 -16.95
C GLN A 156 17.17 2.30 -15.77
N SER A 157 16.11 1.53 -16.04
CA SER A 157 15.36 0.93 -14.96
C SER A 157 16.12 -0.23 -14.34
N ARG A 158 16.87 -1.00 -15.14
CA ARG A 158 17.76 -2.02 -14.60
C ARG A 158 18.76 -1.42 -13.63
N ARG A 159 19.34 -0.28 -14.01
CA ARG A 159 20.31 0.40 -13.16
C ARG A 159 19.65 0.83 -11.87
N GLU A 160 18.40 1.26 -11.97
CA GLU A 160 17.68 1.70 -10.80
C GLU A 160 17.47 0.56 -9.81
N LEU A 161 17.17 -0.65 -10.30
CA LEU A 161 17.01 -1.76 -9.38
C LEU A 161 18.33 -2.15 -8.75
N ASP A 162 19.42 -2.06 -9.52
CA ASP A 162 20.74 -2.33 -8.97
C ASP A 162 21.08 -1.35 -7.86
N THR A 163 20.74 -0.06 -8.06
CA THR A 163 21.13 0.99 -7.13
C THR A 163 20.41 0.86 -5.80
N ILE A 164 19.17 0.37 -5.83
CA ILE A 164 18.40 0.17 -4.61
C ILE A 164 18.91 -1.06 -3.87
N ALA A 165 19.24 -2.12 -4.58
CA ALA A 165 19.46 -3.40 -3.93
C ALA A 165 20.75 -3.40 -3.10
N SER A 166 20.68 -4.00 -1.92
CA SER A 166 21.88 -4.38 -1.21
C SER A 166 22.67 -5.41 -2.01
N LYS A 167 23.93 -5.56 -1.61
CA LYS A 167 24.99 -6.17 -2.35
C LYS A 167 25.30 -7.52 -1.75
N PRO A 168 25.57 -8.58 -2.56
CA PRO A 168 25.60 -8.65 -4.05
C PRO A 168 24.20 -8.52 -4.56
N ALA A 169 23.95 -7.59 -5.49
CA ALA A 169 22.61 -7.32 -5.94
C ALA A 169 21.92 -8.53 -6.59
N GLY A 170 22.66 -9.54 -7.01
CA GLY A 170 21.99 -10.72 -7.56
C GLY A 170 21.33 -11.61 -6.53
N GLU A 171 21.68 -11.46 -5.24
CA GLU A 171 20.97 -12.10 -4.13
C GLU A 171 19.91 -11.18 -3.52
N HIS A 172 19.70 -10.00 -4.13
CA HIS A 172 18.66 -9.09 -3.67
C HIS A 172 17.71 -8.55 -4.74
N VAL A 173 17.90 -8.81 -6.04
CA VAL A 173 17.03 -8.30 -7.11
C VAL A 173 16.28 -9.46 -7.74
N PHE A 174 14.95 -9.39 -7.78
CA PHE A 174 14.13 -10.51 -8.28
C PHE A 174 12.94 -9.94 -9.02
N GLN A 175 12.21 -10.80 -9.72
CA GLN A 175 11.03 -10.43 -10.49
C GLN A 175 9.79 -10.84 -9.71
N VAL A 176 8.71 -10.09 -9.89
CA VAL A 176 7.55 -10.31 -9.03
C VAL A 176 6.83 -11.64 -9.31
N ASP A 177 6.98 -12.23 -10.50
CA ASP A 177 6.21 -13.43 -10.84
C ASP A 177 6.81 -14.74 -10.34
N ASN A 178 8.08 -14.74 -9.94
CA ASN A 178 8.77 -15.95 -9.48
C ASN A 178 8.64 -16.06 -7.96
N PHE A 179 8.95 -17.25 -7.43
CA PHE A 179 9.10 -17.42 -6.00
C PHE A 179 10.55 -17.22 -5.54
N GLU A 180 11.45 -16.80 -6.44
CA GLU A 180 12.87 -16.73 -6.11
C GLU A 180 13.13 -15.69 -5.02
N ALA A 181 12.38 -14.59 -5.02
CA ALA A 181 12.57 -13.60 -3.96
C ALA A 181 12.21 -14.21 -2.60
N LEU A 182 11.06 -14.86 -2.50
CA LEU A 182 10.66 -15.42 -1.22
C LEU A 182 11.50 -16.62 -0.83
N ASN A 183 12.13 -17.29 -1.79
CA ASN A 183 12.97 -18.42 -1.45
C ASN A 183 14.29 -17.94 -0.84
N THR A 184 14.87 -16.90 -1.44
CA THR A 184 16.10 -16.31 -0.93
C THR A 184 15.87 -15.66 0.44
N ILE A 185 14.71 -15.01 0.62
CA ILE A 185 14.45 -14.33 1.87
C ILE A 185 14.25 -15.34 3.00
N GLN A 186 13.50 -16.42 2.74
CA GLN A 186 13.35 -17.48 3.73
C GLN A 186 14.70 -18.06 4.12
N ASN A 187 15.54 -18.38 3.13
CA ASN A 187 16.81 -19.03 3.41
C ASN A 187 17.74 -18.13 4.20
N GLN A 188 17.65 -16.81 3.99
CA GLN A 188 18.53 -15.88 4.68
C GLN A 188 18.08 -15.59 6.12
N LEU A 189 16.82 -15.87 6.47
CA LEU A 189 16.30 -15.65 7.82
C LEU A 189 16.07 -16.96 8.56
N GLN B 1 -20.91 -6.16 -7.25
CA GLN B 1 -20.81 -7.39 -6.47
C GLN B 1 -21.40 -7.17 -5.07
N VAL B 2 -20.77 -6.33 -4.25
CA VAL B 2 -21.18 -6.15 -2.85
C VAL B 2 -22.50 -5.39 -2.79
N GLN B 3 -23.48 -5.99 -2.12
CA GLN B 3 -24.86 -5.53 -2.07
C GLN B 3 -25.37 -5.54 -0.65
N LEU B 4 -26.14 -4.50 -0.31
CA LEU B 4 -26.84 -4.36 0.96
C LEU B 4 -28.27 -3.92 0.66
N VAL B 5 -29.24 -4.75 1.05
CA VAL B 5 -30.64 -4.53 0.70
C VAL B 5 -31.47 -4.55 1.97
N GLU B 6 -31.99 -3.39 2.36
CA GLU B 6 -32.81 -3.26 3.56
C GLU B 6 -34.24 -3.65 3.28
N SER B 7 -34.89 -4.28 4.26
CA SER B 7 -36.32 -4.57 4.19
C SER B 7 -36.97 -4.48 5.56
N GLY B 8 -38.32 -4.50 5.60
CA GLY B 8 -39.10 -4.42 6.85
C GLY B 8 -39.74 -3.08 7.18
N GLY B 9 -39.60 -2.07 6.31
CA GLY B 9 -40.18 -0.76 6.54
C GLY B 9 -41.66 -0.66 6.37
N GLY B 10 -42.18 0.51 6.69
CA GLY B 10 -43.58 0.79 6.51
C GLY B 10 -44.12 1.56 7.68
N LEU B 11 -45.44 1.58 7.75
CA LEU B 11 -46.15 2.35 8.76
C LEU B 11 -46.47 1.51 9.98
N VAL B 12 -46.24 2.09 11.15
CA VAL B 12 -46.63 1.46 12.40
C VAL B 12 -47.08 2.56 13.33
N GLN B 13 -47.98 2.23 14.23
CA GLN B 13 -48.50 3.23 15.14
C GLN B 13 -47.39 3.54 16.15
N ALA B 14 -47.62 4.52 17.03
CA ALA B 14 -46.70 4.75 18.15
C ALA B 14 -46.88 3.69 19.24
N GLY B 15 -45.76 3.24 19.82
CA GLY B 15 -45.79 2.02 20.65
C GLY B 15 -45.57 0.69 19.92
N GLY B 16 -45.34 0.71 18.61
CA GLY B 16 -45.47 -0.48 17.79
C GLY B 16 -44.10 -1.02 17.61
N SER B 17 -43.99 -2.05 16.78
CA SER B 17 -42.76 -2.76 16.51
C SER B 17 -42.60 -2.95 15.00
N LEU B 18 -41.35 -2.94 14.55
CA LEU B 18 -41.00 -3.28 13.18
C LEU B 18 -39.70 -4.06 13.25
N ARG B 19 -39.54 -5.06 12.39
CA ARG B 19 -38.31 -5.84 12.31
C ARG B 19 -37.68 -5.61 10.95
N LEU B 20 -36.47 -5.06 10.95
CA LEU B 20 -35.69 -4.82 9.75
C LEU B 20 -34.74 -5.99 9.46
N SER B 21 -34.43 -6.17 8.18
CA SER B 21 -33.44 -7.14 7.70
C SER B 21 -32.49 -6.44 6.75
N CYS B 22 -31.24 -6.88 6.76
CA CYS B 22 -30.21 -6.33 5.86
C CYS B 22 -29.61 -7.52 5.12
N THR B 23 -30.10 -7.75 3.90
CA THR B 23 -29.65 -8.89 3.10
C THR B 23 -28.39 -8.50 2.33
N THR B 24 -27.35 -9.29 2.52
CA THR B 24 -26.04 -8.98 2.00
C THR B 24 -25.58 -10.11 1.09
N SER B 25 -24.78 -9.72 0.10
CA SER B 25 -24.14 -10.67 -0.78
C SER B 25 -22.90 -10.01 -1.35
N GLY B 26 -22.03 -10.83 -1.89
CA GLY B 26 -20.85 -10.31 -2.55
C GLY B 26 -19.67 -10.07 -1.66
N PHE B 27 -19.73 -10.47 -0.39
CA PHE B 27 -18.55 -10.39 0.46
C PHE B 27 -18.64 -11.47 1.53
N THR B 28 -17.48 -11.80 2.06
CA THR B 28 -17.40 -12.75 3.16
C THR B 28 -17.97 -12.10 4.41
N PHE B 29 -19.06 -12.67 4.92
CA PHE B 29 -19.88 -11.99 5.92
C PHE B 29 -19.07 -11.72 7.20
N ASP B 30 -18.23 -12.67 7.60
CA ASP B 30 -17.44 -12.65 8.82
C ASP B 30 -16.27 -11.67 8.80
N ASP B 31 -15.88 -11.18 7.64
CA ASP B 31 -14.84 -10.17 7.51
C ASP B 31 -15.33 -8.76 7.80
N TYR B 32 -16.63 -8.53 7.92
CA TYR B 32 -17.20 -7.19 8.04
C TYR B 32 -18.03 -7.04 9.31
N ALA B 33 -17.94 -5.88 9.95
CA ALA B 33 -18.96 -5.43 10.90
C ALA B 33 -20.10 -4.75 10.14
N ILE B 34 -21.34 -5.01 10.56
CA ILE B 34 -22.54 -4.47 9.91
C ILE B 34 -23.24 -3.59 10.94
N GLY B 35 -23.57 -2.36 10.55
CA GLY B 35 -24.31 -1.46 11.42
C GLY B 35 -25.58 -0.98 10.76
N TRP B 36 -26.47 -0.51 11.63
CA TRP B 36 -27.71 0.15 11.26
C TRP B 36 -27.60 1.62 11.56
N PHE B 37 -28.13 2.42 10.65
CA PHE B 37 -28.10 3.87 10.71
C PHE B 37 -29.51 4.33 10.41
N ARG B 38 -29.74 5.63 10.59
CA ARG B 38 -31.03 6.19 10.25
C ARG B 38 -30.84 7.66 9.90
N GLN B 39 -31.80 8.20 9.18
CA GLN B 39 -31.70 9.60 8.78
C GLN B 39 -33.12 10.10 8.59
N ALA B 40 -33.53 11.01 9.40
CA ALA B 40 -34.82 11.68 9.26
C ALA B 40 -34.67 12.84 8.29
N PRO B 41 -35.75 13.22 7.60
CA PRO B 41 -35.62 14.29 6.61
C PRO B 41 -35.25 15.61 7.28
N GLY B 42 -34.30 16.30 6.66
CA GLY B 42 -33.83 17.59 7.10
C GLY B 42 -32.73 17.55 8.11
N LYS B 43 -32.23 16.38 8.49
CA LYS B 43 -31.21 16.26 9.51
C LYS B 43 -30.25 15.12 9.17
N GLU B 44 -29.11 15.13 9.85
CA GLU B 44 -27.99 14.28 9.50
C GLU B 44 -28.21 12.83 9.91
N ARG B 45 -27.43 11.97 9.24
CA ARG B 45 -27.42 10.54 9.46
C ARG B 45 -26.75 10.22 10.79
N GLU B 46 -27.23 9.17 11.45
CA GLU B 46 -26.74 8.79 12.78
C GLU B 46 -26.73 7.28 12.93
N GLY B 47 -25.78 6.79 13.71
CA GLY B 47 -25.79 5.39 14.07
C GLY B 47 -26.92 5.01 15.00
N VAL B 48 -27.29 3.73 14.93
CA VAL B 48 -28.35 3.13 15.75
C VAL B 48 -27.80 1.94 16.51
N SER B 49 -27.15 1.03 15.79
CA SER B 49 -26.69 -0.23 16.34
C SER B 49 -25.54 -0.74 15.46
N CYS B 50 -24.77 -1.68 15.99
CA CYS B 50 -23.60 -2.18 15.29
C CYS B 50 -23.36 -3.60 15.81
N ILE B 51 -22.93 -4.49 14.92
CA ILE B 51 -22.58 -5.85 15.32
C ILE B 51 -21.30 -6.22 14.58
N SER B 52 -20.34 -6.76 15.30
CA SER B 52 -19.01 -7.08 14.83
C SER B 52 -18.94 -8.56 14.59
N SER B 53 -17.97 -8.98 13.79
CA SER B 53 -17.84 -10.37 13.38
C SER B 53 -17.64 -11.33 14.54
N SER B 54 -17.27 -10.85 15.72
CA SER B 54 -17.09 -11.65 16.91
C SER B 54 -18.36 -11.73 17.78
N GLU B 55 -19.52 -11.33 17.24
CA GLU B 55 -20.84 -11.23 17.88
C GLU B 55 -21.00 -10.06 18.87
N GLY B 56 -19.96 -9.25 19.10
CA GLY B 56 -20.08 -8.06 19.93
C GLY B 56 -21.13 -7.09 19.42
N LYS B 57 -22.10 -6.76 20.27
CA LYS B 57 -23.22 -5.89 19.91
C LYS B 57 -23.09 -4.53 20.59
N TYR B 58 -23.47 -3.49 19.86
CA TYR B 58 -23.30 -2.10 20.29
C TYR B 58 -24.58 -1.35 19.97
N TYR B 59 -25.00 -0.50 20.88
CA TYR B 59 -26.25 0.22 20.71
C TYR B 59 -26.09 1.65 21.14
N SER B 60 -26.76 2.58 20.46
CA SER B 60 -26.85 3.96 20.93
C SER B 60 -27.76 4.05 22.14
N ASP B 61 -27.73 5.20 22.83
CA ASP B 61 -28.60 5.38 23.99
C ASP B 61 -30.06 5.29 23.60
N SER B 62 -30.40 5.81 22.42
CA SER B 62 -31.78 5.74 21.97
C SER B 62 -32.21 4.32 21.69
N ALA B 63 -31.28 3.48 21.24
CA ALA B 63 -31.62 2.10 20.91
C ALA B 63 -31.63 1.18 22.13
N LYS B 64 -30.91 1.52 23.20
CA LYS B 64 -30.61 0.56 24.26
C LYS B 64 -31.88 0.16 25.01
N GLY B 65 -32.13 -1.13 25.13
CA GLY B 65 -33.32 -1.61 25.77
C GLY B 65 -34.49 -1.85 24.84
N ARG B 66 -34.56 -1.12 23.73
CA ARG B 66 -35.64 -1.25 22.75
C ARG B 66 -35.32 -2.17 21.58
N PHE B 67 -34.10 -2.05 21.08
CA PHE B 67 -33.67 -2.56 19.81
C PHE B 67 -32.72 -3.70 20.10
N THR B 68 -32.70 -4.69 19.22
CA THR B 68 -31.87 -5.87 19.39
C THR B 68 -31.30 -6.18 18.02
N ILE B 69 -29.99 -6.23 17.91
CA ILE B 69 -29.32 -6.60 16.68
C ILE B 69 -28.94 -8.08 16.79
N SER B 70 -29.02 -8.79 15.67
CA SER B 70 -28.64 -10.19 15.63
C SER B 70 -28.19 -10.51 14.22
N SER B 71 -27.64 -11.70 14.03
CA SER B 71 -27.13 -12.10 12.73
C SER B 71 -27.50 -13.55 12.51
N ASP B 72 -28.01 -13.83 11.32
CA ASP B 72 -28.10 -15.18 10.79
C ASP B 72 -26.94 -15.35 9.81
N ASN B 73 -25.84 -15.98 10.27
CA ASN B 73 -24.67 -16.13 9.41
C ASN B 73 -24.97 -17.04 8.22
N ALA B 74 -25.89 -17.98 8.39
CA ALA B 74 -26.22 -18.90 7.31
C ALA B 74 -26.91 -18.18 6.16
N LYS B 75 -27.68 -17.12 6.45
CA LYS B 75 -28.38 -16.34 5.44
C LYS B 75 -27.65 -15.05 5.06
N ASN B 76 -26.50 -14.77 5.67
CA ASN B 76 -25.74 -13.54 5.43
C ASN B 76 -26.61 -12.30 5.66
N THR B 77 -27.41 -12.32 6.74
CA THR B 77 -28.35 -11.25 7.06
C THR B 77 -28.20 -10.84 8.51
N VAL B 78 -28.42 -9.56 8.76
CA VAL B 78 -28.45 -8.95 10.08
C VAL B 78 -29.84 -8.41 10.29
N TYR B 79 -30.42 -8.67 11.46
CA TYR B 79 -31.76 -8.19 11.81
C TYR B 79 -31.66 -7.10 12.88
N LEU B 80 -32.57 -6.12 12.83
CA LEU B 80 -32.77 -5.16 13.92
C LEU B 80 -34.24 -5.25 14.35
N GLN B 81 -34.50 -5.94 15.44
CA GLN B 81 -35.82 -5.95 16.08
C GLN B 81 -36.00 -4.65 16.83
N MET B 82 -37.02 -3.85 16.48
CA MET B 82 -37.21 -2.51 17.04
C MET B 82 -38.53 -2.46 17.80
N ASN B 83 -38.45 -2.33 19.12
CA ASN B 83 -39.62 -2.30 19.97
C ASN B 83 -39.80 -0.90 20.54
N ASN B 84 -41.02 -0.61 20.98
CA ASN B 84 -41.33 0.64 21.67
C ASN B 84 -41.00 1.86 20.80
N LEU B 85 -41.41 1.79 19.54
CA LEU B 85 -41.13 2.87 18.62
C LEU B 85 -41.92 4.12 19.00
N LYS B 86 -41.43 5.29 18.60
CA LYS B 86 -42.00 6.59 18.91
C LYS B 86 -42.09 7.38 17.61
N PRO B 87 -42.92 8.43 17.55
CA PRO B 87 -43.01 9.20 16.30
C PRO B 87 -41.69 9.81 15.84
N GLU B 88 -40.81 10.16 16.78
CA GLU B 88 -39.54 10.79 16.43
C GLU B 88 -38.54 9.84 15.78
N ASP B 89 -38.81 8.54 15.77
CA ASP B 89 -38.02 7.57 15.03
C ASP B 89 -38.33 7.47 13.55
N THR B 90 -39.25 8.27 13.03
CA THR B 90 -39.51 8.24 11.59
C THR B 90 -38.26 8.64 10.83
N ALA B 91 -37.77 7.72 10.01
CA ALA B 91 -36.54 7.96 9.28
C ALA B 91 -36.34 6.85 8.26
N VAL B 92 -35.46 7.14 7.30
CA VAL B 92 -34.92 6.12 6.42
C VAL B 92 -33.83 5.40 7.18
N TYR B 93 -34.00 4.09 7.40
CA TYR B 93 -33.01 3.26 8.06
C TYR B 93 -32.16 2.59 6.98
N TYR B 94 -30.84 2.78 7.06
CA TYR B 94 -29.89 2.17 6.15
C TYR B 94 -29.01 1.21 6.91
N CYS B 95 -28.73 0.02 6.38
CA CYS B 95 -27.64 -0.79 6.91
C CYS B 95 -26.37 -0.57 6.08
N ALA B 96 -25.23 -0.91 6.67
CA ALA B 96 -23.92 -0.61 6.11
C ALA B 96 -22.94 -1.63 6.63
N ALA B 97 -21.82 -1.79 5.92
CA ALA B 97 -20.77 -2.75 6.23
C ALA B 97 -19.41 -2.07 6.21
N GLU B 98 -18.49 -2.56 7.06
CA GLU B 98 -17.15 -2.00 7.18
C GLU B 98 -16.16 -3.14 7.34
N TRP B 99 -15.05 -3.08 6.60
CA TRP B 99 -13.99 -4.07 6.73
C TRP B 99 -13.35 -4.02 8.11
N ASN B 100 -13.30 -5.18 8.78
CA ASN B 100 -12.90 -5.26 10.19
C ASN B 100 -11.40 -5.04 10.29
N ASN B 101 -10.99 -3.90 10.82
CA ASN B 101 -9.58 -3.57 10.86
C ASN B 101 -9.44 -2.48 11.92
N PHE B 102 -8.46 -2.64 12.82
CA PHE B 102 -8.03 -1.58 13.74
C PHE B 102 -9.04 -1.36 14.86
N GLY B 103 -10.04 -2.22 15.01
CA GLY B 103 -11.01 -2.09 16.08
C GLY B 103 -12.04 -1.02 15.85
N ARG B 104 -12.29 -0.66 14.61
CA ARG B 104 -13.06 0.54 14.30
C ARG B 104 -14.56 0.28 14.26
N LEU B 105 -15.01 -0.97 14.38
CA LEU B 105 -16.45 -1.32 14.51
C LEU B 105 -17.23 -0.74 13.34
N CYS B 106 -18.30 0.03 13.56
CA CYS B 106 -19.07 0.63 12.48
C CYS B 106 -18.86 2.13 12.40
N MET B 107 -17.68 2.60 12.82
CA MET B 107 -17.43 4.03 12.82
C MET B 107 -17.20 4.60 11.43
N TYR B 108 -16.63 3.83 10.51
CA TYR B 108 -16.31 4.33 9.16
C TYR B 108 -16.77 3.30 8.13
N PRO B 109 -18.08 3.23 7.84
CA PRO B 109 -18.58 2.24 6.88
C PRO B 109 -18.04 2.46 5.46
N ASP B 110 -17.72 1.34 4.78
CA ASP B 110 -17.28 1.28 3.39
C ASP B 110 -18.41 1.10 2.37
N TYR B 111 -19.52 0.44 2.74
CA TYR B 111 -20.63 0.16 1.83
C TYR B 111 -21.96 0.46 2.50
N TRP B 112 -22.90 1.00 1.73
CA TRP B 112 -24.20 1.48 2.20
C TRP B 112 -25.32 0.93 1.35
N GLY B 113 -26.45 0.61 1.99
CA GLY B 113 -27.67 0.27 1.27
C GLY B 113 -28.40 1.49 0.76
N GLN B 114 -29.48 1.24 0.02
CA GLN B 114 -30.25 2.35 -0.51
C GLN B 114 -31.16 2.96 0.54
N GLY B 115 -31.48 2.21 1.58
CA GLY B 115 -32.39 2.72 2.56
C GLY B 115 -33.81 2.26 2.34
N THR B 116 -34.54 2.19 3.43
CA THR B 116 -35.95 1.84 3.54
C THR B 116 -36.66 2.78 4.52
N GLN B 117 -37.88 3.18 4.18
CA GLN B 117 -38.60 4.16 4.98
C GLN B 117 -39.34 3.50 6.13
N VAL B 118 -39.17 4.07 7.32
CA VAL B 118 -39.91 3.72 8.52
C VAL B 118 -40.67 4.95 8.94
N THR B 119 -42.00 4.83 9.05
CA THR B 119 -42.85 5.91 9.51
C THR B 119 -43.64 5.41 10.72
N VAL B 120 -43.58 6.20 11.79
CA VAL B 120 -44.27 5.98 13.07
C VAL B 120 -45.22 7.14 13.32
N SER B 121 -46.51 6.86 13.37
CA SER B 121 -47.53 7.89 13.56
C SER B 121 -47.98 7.90 15.01
N SER B 122 -48.52 9.04 15.43
CA SER B 122 -49.14 9.16 16.74
C SER B 122 -50.66 9.12 16.62
N GLN C 1 33.94 -28.22 -15.56
CA GLN C 1 32.88 -28.72 -16.41
C GLN C 1 32.25 -27.53 -17.15
N VAL C 2 31.80 -26.51 -16.41
CA VAL C 2 31.05 -25.42 -17.03
C VAL C 2 31.98 -24.56 -17.86
N GLN C 3 31.61 -24.34 -19.13
CA GLN C 3 32.43 -23.64 -20.10
C GLN C 3 31.58 -22.66 -20.90
N LEU C 4 32.12 -21.47 -21.10
CA LEU C 4 31.53 -20.46 -21.97
C LEU C 4 32.72 -19.91 -22.73
N VAL C 5 32.78 -20.20 -24.03
CA VAL C 5 34.00 -20.02 -24.81
C VAL C 5 33.69 -19.05 -25.93
N GLU C 6 34.28 -17.86 -25.85
CA GLU C 6 34.10 -16.83 -26.85
C GLU C 6 35.06 -17.07 -28.01
N SER C 7 34.61 -16.79 -29.23
CA SER C 7 35.45 -16.80 -30.43
C SER C 7 34.91 -15.79 -31.43
N GLY C 8 35.65 -15.53 -32.48
CA GLY C 8 35.17 -14.57 -33.45
C GLY C 8 35.66 -13.16 -33.22
N GLY C 9 36.45 -12.94 -32.17
CA GLY C 9 37.06 -11.66 -31.90
C GLY C 9 38.17 -11.40 -32.89
N GLY C 10 38.82 -10.26 -32.71
CA GLY C 10 39.98 -9.90 -33.50
C GLY C 10 39.88 -8.47 -33.95
N LEU C 11 40.69 -8.15 -34.96
CA LEU C 11 40.80 -6.82 -35.52
C LEU C 11 39.85 -6.64 -36.69
N VAL C 12 39.19 -5.48 -36.71
CA VAL C 12 38.35 -5.07 -37.83
C VAL C 12 38.44 -3.55 -37.95
N GLN C 13 38.25 -3.04 -39.16
CA GLN C 13 38.28 -1.61 -39.39
C GLN C 13 36.95 -1.01 -38.91
N ALA C 14 36.95 0.31 -38.75
CA ALA C 14 35.73 1.04 -38.43
C ALA C 14 34.76 0.95 -39.59
N GLY C 15 33.47 0.89 -39.25
CA GLY C 15 32.42 0.54 -40.18
C GLY C 15 32.24 -0.94 -40.40
N GLY C 16 33.22 -1.76 -40.04
CA GLY C 16 33.16 -3.18 -40.31
C GLY C 16 32.26 -3.90 -39.32
N SER C 17 32.17 -5.22 -39.50
CA SER C 17 31.25 -6.03 -38.73
C SER C 17 31.99 -7.28 -38.26
N LEU C 18 31.61 -7.78 -37.08
CA LEU C 18 32.13 -9.05 -36.59
C LEU C 18 31.00 -9.85 -35.97
N ARG C 19 31.09 -11.17 -36.04
CA ARG C 19 30.16 -12.08 -35.41
C ARG C 19 30.91 -12.84 -34.32
N LEU C 20 30.51 -12.64 -33.07
CA LEU C 20 31.08 -13.38 -31.97
C LEU C 20 30.24 -14.63 -31.74
N SER C 21 30.88 -15.68 -31.29
CA SER C 21 30.24 -16.93 -30.94
C SER C 21 30.57 -17.19 -29.49
N CYS C 22 29.63 -17.79 -28.77
CA CYS C 22 29.81 -18.23 -27.40
C CYS C 22 29.35 -19.68 -27.37
N THR C 23 30.29 -20.60 -27.49
CA THR C 23 29.98 -22.02 -27.49
C THR C 23 29.99 -22.46 -26.04
N THR C 24 28.93 -23.14 -25.61
CA THR C 24 28.75 -23.46 -24.21
C THR C 24 28.70 -24.97 -24.05
N SER C 25 29.11 -25.43 -22.87
CA SER C 25 28.98 -26.83 -22.50
C SER C 25 28.98 -26.91 -20.97
N GLY C 26 28.60 -28.07 -20.44
CA GLY C 26 28.72 -28.27 -19.01
C GLY C 26 27.56 -27.78 -18.17
N PHE C 27 26.48 -27.31 -18.81
CA PHE C 27 25.26 -27.01 -18.08
C PHE C 27 24.10 -27.16 -19.06
N THR C 28 22.91 -27.37 -18.53
CA THR C 28 21.76 -27.42 -19.41
C THR C 28 21.51 -26.03 -19.99
N PHE C 29 21.69 -25.94 -21.33
CA PHE C 29 21.69 -24.68 -22.07
C PHE C 29 20.37 -23.97 -21.93
N ASP C 30 19.28 -24.73 -22.02
CA ASP C 30 17.97 -24.14 -22.01
C ASP C 30 17.62 -23.56 -20.63
N ASP C 31 18.32 -23.95 -19.57
CA ASP C 31 18.05 -23.38 -18.24
C ASP C 31 18.60 -21.98 -18.03
N TYR C 32 19.41 -21.45 -18.95
CA TYR C 32 20.11 -20.18 -18.74
C TYR C 32 19.79 -19.18 -19.85
N ALA C 33 19.63 -17.92 -19.46
CA ALA C 33 19.70 -16.80 -20.38
C ALA C 33 21.17 -16.42 -20.59
N ILE C 34 21.55 -16.09 -21.81
CA ILE C 34 22.94 -15.85 -22.16
C ILE C 34 23.10 -14.41 -22.66
N GLY C 35 24.12 -13.72 -22.14
CA GLY C 35 24.37 -12.35 -22.50
C GLY C 35 25.82 -12.08 -22.84
N TRP C 36 26.05 -10.92 -23.43
CA TRP C 36 27.37 -10.36 -23.71
C TRP C 36 27.59 -9.12 -22.87
N PHE C 37 28.82 -8.98 -22.34
CA PHE C 37 29.28 -7.87 -21.51
C PHE C 37 30.62 -7.44 -22.09
N ARG C 38 31.14 -6.28 -21.72
CA ARG C 38 32.44 -5.89 -22.25
C ARG C 38 33.17 -4.94 -21.30
N GLN C 39 34.49 -4.92 -21.42
CA GLN C 39 35.34 -4.07 -20.60
C GLN C 39 36.67 -3.83 -21.30
N ALA C 40 36.99 -2.59 -21.60
CA ALA C 40 38.35 -2.25 -21.98
C ALA C 40 39.15 -1.81 -20.75
N PRO C 41 40.48 -1.92 -20.74
CA PRO C 41 41.23 -1.45 -19.56
C PRO C 41 41.09 0.05 -19.39
N GLY C 42 40.79 0.47 -18.17
CA GLY C 42 40.61 1.87 -17.87
C GLY C 42 39.20 2.38 -18.07
N LYS C 43 38.25 1.50 -18.38
CA LYS C 43 36.92 1.93 -18.77
C LYS C 43 35.92 1.14 -17.97
N GLU C 44 34.74 1.72 -17.83
CA GLU C 44 33.71 1.07 -17.05
C GLU C 44 33.16 -0.11 -17.83
N ARG C 45 32.74 -1.13 -17.10
CA ARG C 45 32.12 -2.31 -17.67
C ARG C 45 30.71 -1.98 -18.13
N GLU C 46 30.25 -2.68 -19.17
CA GLU C 46 28.93 -2.41 -19.71
C GLU C 46 28.27 -3.72 -20.03
N GLY C 47 26.99 -3.83 -19.70
CA GLY C 47 26.19 -4.86 -20.31
C GLY C 47 25.99 -4.48 -21.76
N VAL C 48 25.81 -5.49 -22.60
CA VAL C 48 25.63 -5.29 -24.03
C VAL C 48 24.32 -5.92 -24.50
N SER C 49 24.08 -7.19 -24.16
CA SER C 49 22.92 -7.84 -24.70
C SER C 49 22.61 -9.11 -23.93
N CYS C 50 21.39 -9.61 -24.11
CA CYS C 50 20.95 -10.81 -23.41
C CYS C 50 19.81 -11.44 -24.19
N ILE C 51 19.73 -12.77 -24.16
CA ILE C 51 18.66 -13.49 -24.84
C ILE C 51 18.13 -14.55 -23.90
N SER C 52 16.81 -14.60 -23.74
CA SER C 52 16.12 -15.56 -22.89
C SER C 52 14.94 -16.13 -23.68
N SER C 53 14.67 -17.42 -23.52
CA SER C 53 13.55 -18.03 -24.23
C SER C 53 12.20 -17.58 -23.68
N SER C 54 12.14 -17.12 -22.43
CA SER C 54 10.89 -16.65 -21.85
C SER C 54 10.77 -15.13 -21.84
N GLU C 55 11.87 -14.41 -21.63
CA GLU C 55 11.84 -12.96 -21.46
C GLU C 55 12.24 -12.21 -22.73
N GLY C 56 12.71 -12.91 -23.77
CA GLY C 56 13.05 -12.26 -25.02
C GLY C 56 14.47 -11.71 -25.02
N LYS C 57 14.70 -10.66 -25.79
CA LYS C 57 16.01 -10.08 -25.97
C LYS C 57 16.10 -8.72 -25.29
N TYR C 58 17.32 -8.37 -24.89
CA TYR C 58 17.63 -7.10 -24.27
C TYR C 58 18.86 -6.53 -24.95
N TYR C 59 18.87 -5.22 -25.17
CA TYR C 59 20.02 -4.55 -25.76
C TYR C 59 20.30 -3.28 -24.97
N SER C 60 21.57 -2.95 -24.81
CA SER C 60 21.96 -1.68 -24.24
C SER C 60 21.71 -0.57 -25.27
N ASP C 61 21.82 0.67 -24.81
CA ASP C 61 21.61 1.80 -25.70
C ASP C 61 22.65 1.83 -26.82
N SER C 62 23.91 1.50 -26.49
CA SER C 62 24.94 1.49 -27.50
C SER C 62 24.72 0.39 -28.52
N ALA C 63 24.16 -0.74 -28.08
CA ALA C 63 23.97 -1.87 -28.96
C ALA C 63 22.73 -1.72 -29.83
N LYS C 64 21.71 -0.98 -29.38
CA LYS C 64 20.42 -1.05 -30.03
C LYS C 64 20.51 -0.45 -31.43
N GLY C 65 19.98 -1.20 -32.42
CA GLY C 65 19.99 -0.81 -33.81
C GLY C 65 21.15 -1.33 -34.61
N ARG C 66 22.31 -1.52 -33.99
CA ARG C 66 23.52 -2.01 -34.64
C ARG C 66 23.70 -3.51 -34.47
N PHE C 67 23.34 -4.02 -33.29
CA PHE C 67 23.69 -5.36 -32.82
C PHE C 67 22.45 -6.24 -32.78
N THR C 68 22.70 -7.54 -32.97
CA THR C 68 21.66 -8.56 -32.98
C THR C 68 22.22 -9.75 -32.24
N ILE C 69 21.52 -10.21 -31.20
CA ILE C 69 21.84 -11.43 -30.48
C ILE C 69 20.91 -12.51 -30.98
N SER C 70 21.41 -13.74 -31.06
CA SER C 70 20.62 -14.88 -31.51
C SER C 70 21.10 -16.12 -30.80
N SER C 71 20.34 -17.20 -30.93
CA SER C 71 20.69 -18.44 -30.24
C SER C 71 20.41 -19.57 -31.21
N ASP C 72 21.41 -20.42 -31.40
CA ASP C 72 21.27 -21.71 -32.04
C ASP C 72 21.07 -22.69 -30.90
N ASN C 73 19.82 -23.02 -30.65
CA ASN C 73 19.45 -23.88 -29.54
C ASN C 73 19.94 -25.30 -29.74
N ALA C 74 20.10 -25.74 -30.99
CA ALA C 74 20.56 -27.12 -31.17
C ALA C 74 22.03 -27.27 -30.79
N LYS C 75 22.85 -26.26 -31.08
CA LYS C 75 24.28 -26.32 -30.82
C LYS C 75 24.70 -25.61 -29.55
N ASN C 76 23.76 -25.07 -28.77
CA ASN C 76 24.07 -24.45 -27.47
C ASN C 76 25.09 -23.32 -27.64
N THR C 77 24.81 -22.49 -28.64
CA THR C 77 25.69 -21.40 -29.02
C THR C 77 24.85 -20.15 -29.18
N VAL C 78 25.40 -19.04 -28.73
CA VAL C 78 24.77 -17.73 -28.84
C VAL C 78 25.73 -16.88 -29.66
N TYR C 79 25.17 -16.11 -30.56
CA TYR C 79 25.95 -15.23 -31.41
C TYR C 79 25.59 -13.79 -31.12
N LEU C 80 26.59 -12.91 -31.27
CA LEU C 80 26.39 -11.47 -31.27
C LEU C 80 26.92 -10.93 -32.59
N GLN C 81 25.99 -10.66 -33.50
CA GLN C 81 26.28 -9.95 -34.73
C GLN C 81 26.40 -8.47 -34.42
N MET C 82 27.57 -7.90 -34.68
CA MET C 82 27.89 -6.52 -34.37
C MET C 82 28.20 -5.78 -35.65
N ASN C 83 27.33 -4.86 -36.06
CA ASN C 83 27.53 -4.05 -37.27
C ASN C 83 27.87 -2.63 -36.88
N ASN C 84 28.45 -1.90 -37.84
CA ASN C 84 28.74 -0.48 -37.67
C ASN C 84 29.66 -0.27 -36.46
N LEU C 85 30.68 -1.12 -36.37
CA LEU C 85 31.61 -1.09 -35.24
C LEU C 85 32.45 0.19 -35.30
N LYS C 86 32.90 0.63 -34.13
CA LYS C 86 33.58 1.89 -33.94
C LYS C 86 34.79 1.66 -33.06
N PRO C 87 35.77 2.58 -33.06
CA PRO C 87 36.90 2.40 -32.14
C PRO C 87 36.50 2.38 -30.67
N GLU C 88 35.39 3.04 -30.30
CA GLU C 88 34.96 3.04 -28.90
C GLU C 88 34.36 1.70 -28.48
N ASP C 89 34.05 0.82 -29.41
CA ASP C 89 33.62 -0.55 -29.11
C ASP C 89 34.79 -1.51 -28.88
N THR C 90 36.02 -1.03 -28.92
CA THR C 90 37.18 -1.87 -28.59
C THR C 90 37.12 -2.27 -27.12
N ALA C 91 37.07 -3.58 -26.85
CA ALA C 91 36.98 -4.08 -25.49
C ALA C 91 37.19 -5.59 -25.51
N VAL C 92 37.37 -6.16 -24.33
CA VAL C 92 37.29 -7.60 -24.09
C VAL C 92 35.81 -7.92 -23.98
N TYR C 93 35.31 -8.77 -24.87
CA TYR C 93 33.91 -9.19 -24.84
C TYR C 93 33.79 -10.53 -24.13
N TYR C 94 32.90 -10.58 -23.12
CA TYR C 94 32.63 -11.78 -22.33
C TYR C 94 31.23 -12.26 -22.59
N CYS C 95 31.03 -13.54 -22.67
CA CYS C 95 29.69 -14.01 -22.58
C CYS C 95 29.46 -14.57 -21.17
N ALA C 96 28.19 -14.71 -20.84
CA ALA C 96 27.81 -14.99 -19.47
C ALA C 96 26.48 -15.69 -19.51
N ALA C 97 26.19 -16.41 -18.45
CA ALA C 97 24.95 -17.14 -18.35
C ALA C 97 24.35 -16.80 -17.01
N GLU C 98 23.03 -16.69 -16.95
CA GLU C 98 22.33 -16.34 -15.74
C GLU C 98 21.16 -17.31 -15.73
N TRP C 99 20.83 -17.84 -14.55
CA TRP C 99 19.72 -18.76 -14.42
C TRP C 99 18.44 -18.05 -14.84
N ASN C 100 17.73 -18.67 -15.81
CA ASN C 100 16.66 -18.00 -16.53
C ASN C 100 15.40 -17.86 -15.68
N ASN C 101 15.20 -18.75 -14.72
CA ASN C 101 14.02 -18.63 -13.88
C ASN C 101 14.07 -17.40 -12.97
N PHE C 102 15.21 -16.69 -12.84
CA PHE C 102 15.18 -15.40 -12.16
C PHE C 102 14.42 -14.37 -12.98
N GLY C 103 14.44 -14.52 -14.30
CA GLY C 103 13.70 -13.61 -15.15
C GLY C 103 14.32 -12.25 -15.27
N ARG C 104 15.64 -12.14 -15.12
CA ARG C 104 16.29 -10.83 -15.02
C ARG C 104 16.99 -10.38 -16.28
N LEU C 105 17.02 -11.20 -17.34
CA LEU C 105 17.64 -10.81 -18.61
C LEU C 105 19.12 -10.47 -18.41
N CYS C 106 19.82 -11.40 -17.77
CA CYS C 106 21.28 -11.35 -17.57
C CYS C 106 21.78 -10.19 -16.70
N MET C 107 21.00 -9.70 -15.74
CA MET C 107 21.52 -8.60 -14.93
C MET C 107 22.70 -9.04 -14.08
N TYR C 108 22.64 -10.26 -13.52
CA TYR C 108 23.64 -10.76 -12.57
C TYR C 108 24.03 -12.18 -12.95
N PRO C 109 24.92 -12.33 -13.94
CA PRO C 109 25.31 -13.68 -14.39
C PRO C 109 25.94 -14.53 -13.31
N ASP C 110 25.65 -15.83 -13.40
CA ASP C 110 26.24 -16.84 -12.54
C ASP C 110 27.57 -17.34 -13.06
N TYR C 111 27.76 -17.35 -14.40
CA TYR C 111 28.96 -17.88 -15.04
C TYR C 111 29.46 -16.90 -16.09
N TRP C 112 30.78 -16.87 -16.26
CA TRP C 112 31.43 -15.95 -17.17
C TRP C 112 32.44 -16.75 -17.98
N GLY C 113 32.59 -16.40 -19.25
CA GLY C 113 33.70 -16.88 -20.04
C GLY C 113 34.98 -16.10 -19.74
N GLN C 114 36.07 -16.55 -20.39
CA GLN C 114 37.37 -15.92 -20.20
C GLN C 114 37.47 -14.58 -20.92
N GLY C 115 36.57 -14.30 -21.87
CA GLY C 115 36.67 -13.07 -22.63
C GLY C 115 37.56 -13.26 -23.84
N THR C 116 37.23 -12.53 -24.91
CA THR C 116 38.06 -12.51 -26.11
C THR C 116 38.22 -11.08 -26.60
N GLN C 117 39.38 -10.75 -27.15
CA GLN C 117 39.68 -9.38 -27.55
C GLN C 117 39.05 -9.02 -28.89
N VAL C 118 38.42 -7.84 -28.93
CA VAL C 118 37.93 -7.19 -30.15
C VAL C 118 38.63 -5.84 -30.21
N THR C 119 39.30 -5.56 -31.35
CA THR C 119 40.01 -4.30 -31.57
C THR C 119 39.46 -3.64 -32.82
N VAL C 120 39.06 -2.38 -32.73
CA VAL C 120 38.50 -1.66 -33.87
C VAL C 120 39.36 -0.44 -34.16
N SER C 121 40.03 -0.46 -35.31
CA SER C 121 40.95 0.54 -35.80
C SER C 121 40.34 1.31 -36.95
N SER C 122 40.88 2.49 -37.24
CA SER C 122 40.43 3.27 -38.38
C SER C 122 41.31 2.92 -39.58
N GLN D 1 -22.45 23.02 31.75
CA GLN D 1 -23.02 22.43 30.50
C GLN D 1 -22.01 22.13 29.37
N VAL D 2 -22.27 21.11 28.55
CA VAL D 2 -21.26 20.62 27.62
C VAL D 2 -21.00 21.62 26.51
N GLN D 3 -19.71 21.88 26.25
CA GLN D 3 -19.23 22.87 25.29
C GLN D 3 -18.15 22.17 24.48
N LEU D 4 -18.22 22.26 23.15
CA LEU D 4 -17.20 21.69 22.25
C LEU D 4 -16.95 22.71 21.15
N VAL D 5 -15.82 23.41 21.16
CA VAL D 5 -15.62 24.58 20.31
C VAL D 5 -14.43 24.34 19.39
N GLU D 6 -14.71 24.26 18.08
CA GLU D 6 -13.65 24.00 17.11
C GLU D 6 -12.95 25.30 16.79
N SER D 7 -11.64 25.23 16.60
CA SER D 7 -10.93 26.35 16.01
C SER D 7 -9.79 25.82 15.14
N GLY D 8 -9.20 26.71 14.36
CA GLY D 8 -8.11 26.36 13.47
C GLY D 8 -8.48 26.19 12.00
N GLY D 9 -9.74 26.34 11.64
CA GLY D 9 -10.11 26.25 10.25
C GLY D 9 -9.63 27.44 9.43
N GLY D 10 -9.83 27.33 8.13
CA GLY D 10 -9.44 28.35 7.19
C GLY D 10 -8.96 27.72 5.89
N LEU D 11 -8.27 28.53 5.09
CA LEU D 11 -7.77 28.12 3.79
C LEU D 11 -6.33 27.67 3.92
N VAL D 12 -6.00 26.55 3.27
CA VAL D 12 -4.63 26.07 3.17
C VAL D 12 -4.43 25.53 1.77
N GLN D 13 -3.20 25.63 1.27
CA GLN D 13 -2.92 25.13 -0.05
C GLN D 13 -2.87 23.61 0.01
N ALA D 14 -3.05 23.00 -1.16
CA ALA D 14 -2.92 21.55 -1.26
C ALA D 14 -1.47 21.15 -1.04
N GLY D 15 -1.30 19.97 -0.43
CA GLY D 15 -0.04 19.53 0.10
C GLY D 15 0.27 20.02 1.49
N GLY D 16 -0.40 21.07 1.94
CA GLY D 16 -0.13 21.72 3.20
C GLY D 16 -0.75 21.02 4.38
N SER D 17 -0.66 21.69 5.54
CA SER D 17 -1.11 21.19 6.84
C SER D 17 -2.00 22.20 7.54
N LEU D 18 -2.93 21.67 8.37
CA LEU D 18 -3.73 22.44 9.32
C LEU D 18 -3.90 21.70 10.63
N ARG D 19 -3.92 22.41 11.75
CA ARG D 19 -4.14 21.81 13.06
C ARG D 19 -5.46 22.36 13.58
N LEU D 20 -6.44 21.48 13.78
CA LEU D 20 -7.73 21.83 14.39
C LEU D 20 -7.70 21.55 15.89
N SER D 21 -8.51 22.32 16.63
CA SER D 21 -8.63 22.19 18.08
C SER D 21 -10.08 22.00 18.43
N CYS D 22 -10.35 21.25 19.47
CA CYS D 22 -11.68 21.12 20.05
C CYS D 22 -11.49 21.43 21.53
N THR D 23 -11.82 22.66 21.94
CA THR D 23 -11.69 23.07 23.36
C THR D 23 -12.97 22.71 24.10
N THR D 24 -12.84 21.96 25.21
CA THR D 24 -14.02 21.36 25.83
C THR D 24 -14.23 21.82 27.26
N SER D 25 -15.50 21.77 27.65
CA SER D 25 -15.89 22.05 29.02
C SER D 25 -17.24 21.40 29.31
N GLY D 26 -17.58 21.40 30.58
CA GLY D 26 -18.85 20.91 31.07
C GLY D 26 -18.89 19.44 31.38
N PHE D 27 -17.75 18.76 31.35
CA PHE D 27 -17.72 17.36 31.75
C PHE D 27 -16.31 17.00 32.20
N THR D 28 -16.21 15.92 32.95
CA THR D 28 -14.90 15.37 33.31
C THR D 28 -14.29 14.78 32.04
N PHE D 29 -13.07 15.23 31.69
CA PHE D 29 -12.54 15.04 30.34
C PHE D 29 -12.45 13.58 29.93
N ASP D 30 -11.95 12.72 30.84
CA ASP D 30 -11.75 11.30 30.55
C ASP D 30 -13.06 10.51 30.47
N ASP D 31 -14.16 11.07 30.98
CA ASP D 31 -15.40 10.36 30.92
C ASP D 31 -15.96 10.29 29.51
N TYR D 32 -15.51 11.10 28.55
CA TYR D 32 -16.10 11.14 27.21
C TYR D 32 -15.05 10.77 26.17
N ALA D 33 -15.45 9.95 25.18
CA ALA D 33 -14.69 9.80 23.94
C ALA D 33 -15.05 10.90 22.97
N ILE D 34 -14.06 11.47 22.30
CA ILE D 34 -14.23 12.63 21.43
C ILE D 34 -13.75 12.27 20.05
N GLY D 35 -14.56 12.56 19.03
CA GLY D 35 -14.17 12.34 17.66
C GLY D 35 -14.29 13.60 16.84
N TRP D 36 -13.58 13.59 15.74
CA TRP D 36 -13.69 14.57 14.68
C TRP D 36 -14.41 13.90 13.52
N PHE D 37 -15.32 14.66 12.91
CA PHE D 37 -16.23 14.28 11.85
C PHE D 37 -16.13 15.35 10.78
N ARG D 38 -16.68 15.09 9.60
CA ARG D 38 -16.68 16.12 8.59
C ARG D 38 -17.83 15.95 7.62
N GLN D 39 -18.15 17.02 6.94
CA GLN D 39 -19.24 16.99 5.97
C GLN D 39 -18.78 17.95 4.88
N ALA D 40 -18.49 17.37 3.72
CA ALA D 40 -18.13 18.07 2.51
C ALA D 40 -19.41 18.49 1.83
N PRO D 41 -19.36 19.52 1.00
CA PRO D 41 -20.60 19.97 0.38
C PRO D 41 -21.18 18.90 -0.53
N GLY D 42 -22.48 18.65 -0.38
CA GLY D 42 -23.15 17.67 -1.22
C GLY D 42 -23.04 16.25 -0.75
N LYS D 43 -22.50 16.03 0.45
CA LYS D 43 -22.12 14.73 0.97
C LYS D 43 -22.67 14.61 2.38
N GLU D 44 -22.83 13.38 2.83
CA GLU D 44 -23.29 13.09 4.17
C GLU D 44 -22.12 13.20 5.14
N ARG D 45 -22.43 13.44 6.40
CA ARG D 45 -21.40 13.54 7.42
C ARG D 45 -20.76 12.18 7.70
N GLU D 46 -19.45 12.18 7.94
CA GLU D 46 -18.70 10.94 8.09
C GLU D 46 -17.68 11.12 9.20
N GLY D 47 -17.35 10.03 9.87
CA GLY D 47 -16.28 10.08 10.85
C GLY D 47 -14.92 10.26 10.21
N VAL D 48 -14.01 10.86 10.99
CA VAL D 48 -12.64 11.11 10.59
C VAL D 48 -11.66 10.45 11.55
N SER D 49 -11.87 10.64 12.86
CA SER D 49 -10.94 10.19 13.89
C SER D 49 -11.67 10.15 15.23
N CYS D 50 -11.12 9.39 16.17
CA CYS D 50 -11.78 9.15 17.45
C CYS D 50 -10.73 8.81 18.49
N ILE D 51 -10.87 9.37 19.69
CA ILE D 51 -9.91 9.14 20.77
C ILE D 51 -10.68 8.90 22.05
N SER D 52 -10.31 7.83 22.73
CA SER D 52 -10.89 7.42 24.01
C SER D 52 -9.75 7.35 24.99
N SER D 53 -10.02 7.76 26.24
CA SER D 53 -8.96 7.75 27.23
C SER D 53 -8.56 6.34 27.61
N SER D 54 -9.49 5.39 27.49
CA SER D 54 -9.19 4.02 27.83
C SER D 54 -8.94 3.11 26.64
N GLU D 55 -9.39 3.50 25.44
CA GLU D 55 -9.34 2.61 24.28
C GLU D 55 -8.40 3.07 23.17
N GLY D 56 -7.87 4.28 23.24
CA GLY D 56 -6.87 4.71 22.28
C GLY D 56 -7.43 5.51 21.12
N LYS D 57 -6.64 5.52 20.05
CA LYS D 57 -6.90 6.32 18.86
C LYS D 57 -7.34 5.48 17.68
N TYR D 58 -8.23 6.07 16.87
CA TYR D 58 -8.85 5.46 15.70
C TYR D 58 -8.94 6.49 14.60
N TYR D 59 -8.73 6.05 13.36
CA TYR D 59 -8.72 6.88 12.17
C TYR D 59 -9.49 6.18 11.08
N SER D 60 -10.15 6.94 10.23
CA SER D 60 -10.75 6.42 9.01
C SER D 60 -9.64 6.05 8.02
N ASP D 61 -10.04 5.42 6.91
CA ASP D 61 -9.06 5.07 5.89
C ASP D 61 -8.41 6.32 5.32
N SER D 62 -9.22 7.35 5.09
CA SER D 62 -8.71 8.58 4.51
C SER D 62 -7.78 9.28 5.48
N ALA D 63 -8.04 9.18 6.78
CA ALA D 63 -7.22 9.86 7.76
C ALA D 63 -5.94 9.10 8.10
N LYS D 64 -5.94 7.77 7.95
CA LYS D 64 -4.85 6.99 8.51
C LYS D 64 -3.52 7.27 7.83
N GLY D 65 -2.51 7.59 8.63
CA GLY D 65 -1.18 7.91 8.16
C GLY D 65 -0.95 9.40 8.00
N ARG D 66 -1.98 10.14 7.60
CA ARG D 66 -1.84 11.57 7.35
C ARG D 66 -2.13 12.39 8.59
N PHE D 67 -3.12 11.95 9.36
CA PHE D 67 -3.74 12.71 10.43
C PHE D 67 -3.33 12.11 11.77
N THR D 68 -3.33 12.95 12.80
CA THR D 68 -2.97 12.53 14.16
C THR D 68 -3.93 13.18 15.12
N ILE D 69 -4.63 12.38 15.93
CA ILE D 69 -5.48 12.89 16.98
C ILE D 69 -4.71 12.76 18.29
N SER D 70 -4.84 13.77 19.15
CA SER D 70 -4.17 13.76 20.44
C SER D 70 -5.04 14.56 21.41
N SER D 71 -4.65 14.55 22.69
CA SER D 71 -5.41 15.19 23.75
C SER D 71 -4.47 15.76 24.80
N ASP D 72 -4.71 17.02 25.16
CA ASP D 72 -4.06 17.69 26.29
C ASP D 72 -5.00 17.73 27.49
N ASN D 73 -4.75 16.88 28.48
CA ASN D 73 -5.61 16.82 29.66
C ASN D 73 -5.56 18.10 30.50
N ALA D 74 -4.46 18.84 30.47
CA ALA D 74 -4.38 20.06 31.27
C ALA D 74 -5.25 21.17 30.71
N LYS D 75 -5.43 21.20 29.38
CA LYS D 75 -6.26 22.17 28.69
C LYS D 75 -7.63 21.63 28.28
N ASN D 76 -7.94 20.36 28.57
CA ASN D 76 -9.20 19.75 28.16
C ASN D 76 -9.47 19.93 26.66
N THR D 77 -8.44 19.74 25.84
CA THR D 77 -8.53 19.99 24.40
C THR D 77 -8.11 18.75 23.63
N VAL D 78 -8.78 18.51 22.50
CA VAL D 78 -8.43 17.42 21.58
C VAL D 78 -8.03 18.07 20.27
N TYR D 79 -6.87 17.68 19.75
CA TYR D 79 -6.31 18.24 18.52
C TYR D 79 -6.36 17.22 17.41
N LEU D 80 -6.56 17.70 16.19
CA LEU D 80 -6.41 16.91 14.96
C LEU D 80 -5.40 17.62 14.07
N GLN D 81 -4.17 17.14 14.03
CA GLN D 81 -3.18 17.57 13.04
C GLN D 81 -3.43 16.89 11.70
N MET D 82 -3.66 17.66 10.64
CA MET D 82 -4.01 17.16 9.31
C MET D 82 -2.88 17.52 8.35
N ASN D 83 -2.18 16.52 7.83
CA ASN D 83 -1.11 16.70 6.88
C ASN D 83 -1.55 16.20 5.52
N ASN D 84 -0.85 16.67 4.49
CA ASN D 84 -1.04 16.22 3.11
C ASN D 84 -2.48 16.43 2.64
N LEU D 85 -3.03 17.59 2.97
CA LEU D 85 -4.42 17.89 2.63
C LEU D 85 -4.59 18.03 1.12
N LYS D 86 -5.77 17.68 0.64
CA LYS D 86 -6.13 17.66 -0.76
C LYS D 86 -7.45 18.38 -0.90
N PRO D 87 -7.83 18.78 -2.13
CA PRO D 87 -9.10 19.51 -2.30
C PRO D 87 -10.32 18.74 -1.80
N GLU D 88 -10.28 17.39 -1.80
CA GLU D 88 -11.38 16.56 -1.35
C GLU D 88 -11.57 16.57 0.16
N ASP D 89 -10.59 17.07 0.92
CA ASP D 89 -10.75 17.30 2.35
C ASP D 89 -11.45 18.62 2.68
N THR D 90 -11.87 19.37 1.67
CA THR D 90 -12.69 20.56 1.87
C THR D 90 -14.01 20.15 2.51
N ALA D 91 -14.30 20.66 3.71
CA ALA D 91 -15.49 20.28 4.44
C ALA D 91 -15.61 21.15 5.69
N VAL D 92 -16.80 21.15 6.29
CA VAL D 92 -16.95 21.60 7.68
C VAL D 92 -16.54 20.45 8.59
N TYR D 93 -15.58 20.69 9.48
CA TYR D 93 -15.12 19.72 10.48
C TYR D 93 -15.76 19.98 11.84
N TYR D 94 -16.38 18.95 12.43
CA TYR D 94 -17.03 19.02 13.74
C TYR D 94 -16.33 18.13 14.75
N CYS D 95 -16.16 18.57 15.99
CA CYS D 95 -15.84 17.59 17.04
C CYS D 95 -17.14 17.23 17.73
N ALA D 96 -17.16 16.06 18.36
CA ALA D 96 -18.38 15.52 18.93
C ALA D 96 -17.92 14.66 20.10
N ALA D 97 -18.79 14.50 21.07
CA ALA D 97 -18.42 13.80 22.28
C ALA D 97 -19.51 12.82 22.63
N GLU D 98 -19.10 11.72 23.22
CA GLU D 98 -19.98 10.66 23.68
C GLU D 98 -19.43 10.06 24.96
N TRP D 99 -20.30 9.57 25.82
CA TRP D 99 -19.85 8.92 27.04
C TRP D 99 -19.02 7.69 26.69
N ASN D 100 -17.81 7.57 27.26
CA ASN D 100 -16.79 6.55 26.92
C ASN D 100 -17.14 5.21 27.57
N ASN D 101 -18.25 4.70 27.08
CA ASN D 101 -19.06 3.64 27.63
C ASN D 101 -19.25 2.47 26.69
N PHE D 102 -19.11 1.24 27.21
CA PHE D 102 -19.54 -0.01 26.56
C PHE D 102 -18.82 -0.29 25.23
N GLY D 103 -17.60 0.22 25.09
CA GLY D 103 -16.83 -0.01 23.89
C GLY D 103 -17.38 0.72 22.70
N ARG D 104 -18.15 1.79 22.90
CA ARG D 104 -18.90 2.37 21.81
C ARG D 104 -18.11 3.41 21.03
N LEU D 105 -16.96 3.85 21.55
CA LEU D 105 -15.99 4.71 20.87
C LEU D 105 -16.75 5.96 20.43
N CYS D 106 -16.65 6.39 19.17
CA CYS D 106 -17.37 7.57 18.70
C CYS D 106 -18.50 7.19 17.73
N MET D 107 -19.10 6.01 17.92
CA MET D 107 -20.17 5.58 17.03
C MET D 107 -21.46 6.35 17.24
N TYR D 108 -21.73 6.81 18.47
CA TYR D 108 -23.02 7.43 18.80
C TYR D 108 -22.81 8.71 19.59
N PRO D 109 -22.35 9.78 18.94
CA PRO D 109 -22.10 11.03 19.69
C PRO D 109 -23.36 11.60 20.33
N ASP D 110 -23.21 12.08 21.56
CA ASP D 110 -24.27 12.75 22.33
C ASP D 110 -24.32 14.26 22.11
N TYR D 111 -23.18 14.90 21.90
CA TYR D 111 -23.05 16.35 21.80
C TYR D 111 -22.17 16.66 20.59
N TRP D 112 -22.47 17.79 19.94
CA TRP D 112 -21.80 18.22 18.73
C TRP D 112 -21.35 19.67 18.86
N GLY D 113 -20.14 19.95 18.39
CA GLY D 113 -19.70 21.32 18.22
C GLY D 113 -20.43 21.96 17.04
N GLN D 114 -20.17 23.27 16.85
CA GLN D 114 -20.81 24.07 15.81
C GLN D 114 -20.20 23.89 14.40
N GLY D 115 -19.00 23.34 14.31
CA GLY D 115 -18.27 23.17 13.05
C GLY D 115 -17.33 24.32 12.76
N THR D 116 -16.23 24.01 12.09
CA THR D 116 -15.28 25.00 11.59
C THR D 116 -14.95 24.68 10.14
N GLN D 117 -14.88 25.69 9.31
CA GLN D 117 -14.75 25.49 7.87
C GLN D 117 -13.29 25.29 7.47
N VAL D 118 -13.03 24.26 6.66
CA VAL D 118 -11.72 24.03 6.05
C VAL D 118 -11.88 24.00 4.54
N THR D 119 -11.08 24.81 3.84
CA THR D 119 -10.99 24.80 2.39
C THR D 119 -9.56 24.47 2.01
N VAL D 120 -9.39 23.51 1.12
CA VAL D 120 -8.09 23.10 0.62
C VAL D 120 -8.11 23.52 -0.84
N SER D 121 -7.26 24.47 -1.18
CA SER D 121 -7.29 25.14 -2.47
C SER D 121 -6.19 24.57 -3.34
N SER D 122 -6.51 24.40 -4.61
CA SER D 122 -5.56 23.89 -5.58
C SER D 122 -4.93 25.01 -6.39
N LEU D 123 -5.15 26.26 -6.02
CA LEU D 123 -4.69 27.38 -6.82
C LEU D 123 -3.22 27.71 -6.48
N GLU D 124 -2.50 28.27 -7.46
CA GLU D 124 -1.18 28.84 -7.17
C GLU D 124 -1.35 30.27 -6.66
N HIS D 125 -0.68 30.59 -5.55
CA HIS D 125 -0.68 31.92 -4.95
C HIS D 125 0.74 32.49 -4.80
#